data_5T2N
#
_entry.id   5T2N
#
_cell.length_a   40.834
_cell.length_b   67.421
_cell.length_c   166.883
_cell.angle_alpha   90.000
_cell.angle_beta   90.000
_cell.angle_gamma   90.000
#
_symmetry.space_group_name_H-M   'P 21 21 21'
#
loop_
_entity.id
_entity.type
_entity.pdbx_description
1 polymer I-OnuI_e-ag007820
2 polymer 'DNA (26-MER)'
3 polymer 'DNA (26-MER)'
4 non-polymer 'CALCIUM ION'
5 water water
#
loop_
_entity_poly.entity_id
_entity_poly.type
_entity_poly.pdbx_seq_one_letter_code
_entity_poly.pdbx_strand_id
1 'polypeptide(L)'
;MASSINPWILTGFADAEGSFILRIRNNNGMRVGYLTELIFSIKLHNKDKSILENIQSTWKVGKITNNGDQAVMLRVSRFE
DLKVIIDHFEKYPLITQKLGDYKLFKQAYSVMENKEHLKENGIKELVRIKAKMNWGLTDELKKAFPEIISKERPLINKNI
PNLKWLAGFTSGEGHFGVNLWKRKGGTHVGVQLVFGISQHIRDKNLMNSLITYLGCGYILEKNRSELSWLDFRVTKFSDI
NDKIIPVFQENTLIGVKLEDFEDWCKVAKLIEEKKHLTESGLDEIKKIKLNMNKGR
;
A
2 'polydeoxyribonucleotide'
;(DG)(DG)(DG)(DC)(DC)(DT)(DC)(DC)(DT)(DC)(DA)(DC)(DT)(DT)(DT)(DC)(DT)(DT)(DC)(DC)
(DT)(DC)(DA)(DC)(DC)(DG)
;
B
3 'polydeoxyribonucleotide'
;(DC)(DC)(DG)(DG)(DT)(DG)(DA)(DG)(DG)(DA)(DA)(DG)(DA)(DA)(DA)(DG)(DT)(DG)(DA)(DG)
(DG)(DA)(DG)(DG)(DC)(DC)
;
C
#
# COMPACT_ATOMS: atom_id res chain seq x y z
N SER A 4 0.70 -4.77 19.27
CA SER A 4 0.11 -5.37 18.09
C SER A 4 -0.69 -4.34 17.28
N ILE A 5 -0.69 -4.48 15.97
CA ILE A 5 -1.45 -3.60 15.09
C ILE A 5 -2.91 -4.06 14.98
N ASN A 6 -3.84 -3.11 14.98
CA ASN A 6 -5.22 -3.39 14.65
C ASN A 6 -5.32 -4.15 13.33
N PRO A 7 -6.07 -5.25 13.31
CA PRO A 7 -6.08 -6.16 12.15
C PRO A 7 -6.61 -5.50 10.87
N TRP A 8 -7.50 -4.53 10.97
CA TRP A 8 -8.01 -3.84 9.79
C TRP A 8 -7.06 -2.75 9.32
N ILE A 9 -6.27 -2.20 10.26
CA ILE A 9 -5.19 -1.31 9.89
C ILE A 9 -4.14 -2.11 9.12
N LEU A 10 -3.94 -3.34 9.56
CA LEU A 10 -2.95 -4.24 8.95
C LEU A 10 -3.31 -4.58 7.51
N THR A 11 -4.58 -4.89 7.27
CA THR A 11 -5.06 -5.23 5.93
C THR A 11 -4.94 -4.03 5.00
N GLY A 12 -5.34 -2.85 5.49
CA GLY A 12 -5.24 -1.63 4.72
C GLY A 12 -3.80 -1.36 4.30
N PHE A 13 -2.89 -1.57 5.23
CA PHE A 13 -1.47 -1.39 4.96
C PHE A 13 -0.97 -2.42 3.96
N ALA A 14 -1.53 -3.63 4.03
CA ALA A 14 -1.15 -4.71 3.13
C ALA A 14 -1.61 -4.42 1.71
N ASP A 15 -2.82 -3.89 1.58
CA ASP A 15 -3.35 -3.48 0.29
C ASP A 15 -2.47 -2.40 -0.31
N ALA A 16 -1.82 -1.64 0.55
CA ALA A 16 -0.91 -0.59 0.13
C ALA A 16 0.47 -1.14 -0.24
N GLU A 17 1.11 -1.85 0.69
CA GLU A 17 2.51 -2.19 0.52
C GLU A 17 2.82 -3.68 0.41
N GLY A 18 1.80 -4.52 0.51
CA GLY A 18 2.00 -5.96 0.50
C GLY A 18 2.21 -6.56 -0.87
N SER A 19 2.68 -7.80 -0.91
CA SER A 19 2.89 -8.50 -2.17
C SER A 19 2.78 -10.02 -2.01
N PHE A 20 1.91 -10.64 -2.79
CA PHE A 20 1.74 -12.09 -2.78
C PHE A 20 2.46 -12.69 -3.98
N ILE A 21 3.48 -13.50 -3.71
CA ILE A 21 4.39 -13.94 -4.76
C ILE A 21 4.46 -15.46 -4.91
N LEU A 22 4.31 -15.93 -6.15
CA LEU A 22 4.49 -17.34 -6.46
C LEU A 22 5.71 -17.54 -7.35
N ARG A 23 6.72 -18.20 -6.81
CA ARG A 23 7.95 -18.46 -7.56
C ARG A 23 7.95 -19.88 -8.11
N ILE A 24 8.27 -20.02 -9.40
CA ILE A 24 8.41 -21.33 -10.03
C ILE A 24 9.76 -21.38 -10.74
N ARG A 25 10.74 -22.01 -10.12
CA ARG A 25 12.12 -21.95 -10.59
C ARG A 25 12.61 -23.26 -11.22
N ASN A 26 13.40 -23.13 -12.27
CA ASN A 26 14.07 -24.28 -12.88
C ASN A 26 15.09 -24.91 -11.94
N ASN A 27 14.98 -26.21 -11.73
CA ASN A 27 15.97 -26.94 -10.94
C ASN A 27 15.98 -28.42 -11.27
N ASN A 28 17.11 -28.90 -11.80
CA ASN A 28 17.24 -30.30 -12.17
C ASN A 28 17.39 -31.22 -10.96
N GLY A 29 17.47 -30.62 -9.77
CA GLY A 29 17.58 -31.37 -8.53
C GLY A 29 16.22 -31.72 -7.97
N MET A 30 15.18 -31.30 -8.68
CA MET A 30 13.81 -31.63 -8.31
C MET A 30 13.25 -32.66 -9.28
N ARG A 31 12.42 -33.56 -8.77
CA ARG A 31 11.85 -34.65 -9.57
C ARG A 31 11.06 -34.13 -10.76
N VAL A 32 10.30 -33.06 -10.55
CA VAL A 32 9.51 -32.46 -11.62
C VAL A 32 10.37 -31.49 -12.42
N GLY A 33 11.47 -31.06 -11.81
CA GLY A 33 12.38 -30.15 -12.47
C GLY A 33 12.12 -28.70 -12.11
N TYR A 34 11.17 -28.51 -11.21
CA TYR A 34 10.83 -27.16 -10.73
C TYR A 34 10.75 -27.10 -9.21
N LEU A 35 11.24 -25.99 -8.66
CA LEU A 35 11.10 -25.72 -7.25
C LEU A 35 10.13 -24.56 -7.04
N THR A 36 9.13 -24.78 -6.20
CA THR A 36 8.10 -23.79 -5.98
C THR A 36 8.21 -23.13 -4.62
N GLU A 37 7.91 -21.84 -4.56
CA GLU A 37 7.94 -21.09 -3.31
C GLU A 37 6.80 -20.07 -3.28
N LEU A 38 6.06 -20.07 -2.19
CA LEU A 38 4.94 -19.15 -2.03
C LEU A 38 5.28 -18.11 -0.96
N ILE A 39 5.22 -16.84 -1.33
CA ILE A 39 5.73 -15.77 -0.47
C ILE A 39 4.78 -14.60 -0.28
N PHE A 40 4.57 -14.21 0.98
CA PHE A 40 3.97 -12.93 1.28
C PHE A 40 5.07 -11.98 1.72
N SER A 41 5.11 -10.79 1.13
CA SER A 41 6.22 -9.87 1.37
C SER A 41 5.78 -8.43 1.56
N ILE A 42 6.43 -7.73 2.49
CA ILE A 42 6.28 -6.30 2.65
C ILE A 42 7.65 -5.65 2.72
N LYS A 43 7.97 -4.83 1.72
CA LYS A 43 9.24 -4.10 1.70
C LYS A 43 9.01 -2.62 1.97
N LEU A 44 9.74 -2.09 2.96
CA LEU A 44 9.62 -0.67 3.31
C LEU A 44 10.98 -0.02 3.46
N HIS A 45 10.97 1.30 3.61
CA HIS A 45 12.18 2.06 3.93
C HIS A 45 12.56 1.74 5.37
N ASN A 46 13.86 1.75 5.66
CA ASN A 46 14.37 1.43 6.99
C ASN A 46 13.73 2.26 8.11
N LYS A 47 13.29 3.48 7.78
CA LYS A 47 12.70 4.38 8.77
C LYS A 47 11.40 3.81 9.36
N ASP A 48 10.85 2.79 8.72
CA ASP A 48 9.61 2.18 9.17
C ASP A 48 9.77 0.71 9.52
N LYS A 49 10.97 0.32 9.94
CA LYS A 49 11.24 -1.06 10.31
C LYS A 49 10.37 -1.50 11.48
N SER A 50 9.98 -0.54 12.32
CA SER A 50 9.17 -0.81 13.51
C SER A 50 7.81 -1.40 13.16
N ILE A 51 7.24 -0.99 12.03
CA ILE A 51 5.98 -1.55 11.57
C ILE A 51 6.13 -3.03 11.27
N LEU A 52 7.20 -3.37 10.56
CA LEU A 52 7.50 -4.75 10.21
C LEU A 52 7.67 -5.62 11.45
N GLU A 53 8.37 -5.08 12.44
CA GLU A 53 8.62 -5.79 13.69
C GLU A 53 7.33 -6.03 14.47
N ASN A 54 6.43 -5.05 14.44
CA ASN A 54 5.17 -5.19 15.16
C ASN A 54 4.23 -6.17 14.47
N ILE A 55 4.25 -6.19 13.15
CA ILE A 55 3.50 -7.18 12.38
C ILE A 55 4.03 -8.57 12.70
N GLN A 56 5.36 -8.65 12.80
CA GLN A 56 6.04 -9.92 13.09
C GLN A 56 5.60 -10.47 14.45
N SER A 57 5.60 -9.61 15.47
CA SER A 57 5.21 -10.02 16.81
C SER A 57 3.71 -10.29 16.90
N THR A 58 2.94 -9.56 16.10
CA THR A 58 1.48 -9.73 16.07
C THR A 58 1.11 -11.08 15.48
N TRP A 59 1.87 -11.52 14.49
CA TRP A 59 1.57 -12.76 13.78
C TRP A 59 2.46 -13.92 14.24
N LYS A 60 3.55 -13.61 14.93
CA LYS A 60 4.50 -14.61 15.40
C LYS A 60 5.11 -15.43 14.26
N VAL A 61 5.09 -14.87 13.06
CA VAL A 61 5.69 -15.51 11.89
C VAL A 61 6.51 -14.51 11.09
N GLY A 62 7.33 -15.02 10.18
CA GLY A 62 8.04 -14.17 9.24
C GLY A 62 9.47 -13.83 9.62
N LYS A 63 10.26 -13.50 8.61
CA LYS A 63 11.64 -13.07 8.80
C LYS A 63 11.86 -11.67 8.23
N ILE A 64 12.62 -10.88 8.95
CA ILE A 64 12.97 -9.53 8.52
C ILE A 64 14.42 -9.47 8.03
N THR A 65 14.61 -9.00 6.80
CA THR A 65 15.96 -8.89 6.25
C THR A 65 16.22 -7.52 5.63
N ASN A 66 17.49 -7.18 5.49
CA ASN A 66 17.88 -5.94 4.84
C ASN A 66 17.90 -6.09 3.32
N ASN A 67 17.60 -5.01 2.62
CA ASN A 67 17.63 -5.00 1.17
C ASN A 67 18.22 -3.69 0.66
N GLY A 68 19.54 -3.66 0.50
CA GLY A 68 20.23 -2.43 0.19
C GLY A 68 20.45 -1.65 1.48
N ASP A 69 20.90 -0.41 1.36
CA ASP A 69 21.25 0.38 2.53
C ASP A 69 20.07 1.16 3.12
N GLN A 70 18.98 1.25 2.38
CA GLN A 70 17.86 2.08 2.81
C GLN A 70 16.51 1.35 2.86
N ALA A 71 16.53 0.03 2.69
CA ALA A 71 15.29 -0.72 2.65
C ALA A 71 15.34 -1.97 3.53
N VAL A 72 14.16 -2.38 3.99
CA VAL A 72 14.03 -3.54 4.86
C VAL A 72 12.78 -4.33 4.45
N MET A 73 12.79 -5.63 4.69
CA MET A 73 11.79 -6.51 4.10
C MET A 73 11.31 -7.61 5.04
N LEU A 74 10.00 -7.72 5.20
CA LEU A 74 9.40 -8.80 5.98
C LEU A 74 8.80 -9.84 5.04
N ARG A 75 9.19 -11.10 5.21
CA ARG A 75 8.71 -12.15 4.32
C ARG A 75 8.28 -13.42 5.04
N VAL A 76 7.19 -14.01 4.56
CA VAL A 76 6.69 -15.28 5.06
C VAL A 76 6.59 -16.26 3.89
N SER A 77 7.33 -17.36 3.97
CA SER A 77 7.30 -18.35 2.90
C SER A 77 7.30 -19.77 3.46
N ARG A 78 7.63 -19.90 4.73
CA ARG A 78 7.52 -21.18 5.42
C ARG A 78 6.09 -21.66 5.33
N PHE A 79 5.89 -22.87 4.81
CA PHE A 79 4.56 -23.34 4.46
C PHE A 79 3.61 -23.39 5.65
N GLU A 80 4.13 -23.79 6.81
CA GLU A 80 3.33 -23.82 8.02
C GLU A 80 2.89 -22.41 8.41
N ASP A 81 3.83 -21.47 8.33
CA ASP A 81 3.59 -20.08 8.73
C ASP A 81 2.61 -19.36 7.80
N LEU A 82 2.41 -19.91 6.60
CA LEU A 82 1.57 -19.26 5.60
C LEU A 82 0.08 -19.41 5.91
N LYS A 83 -0.25 -20.34 6.79
CA LYS A 83 -1.63 -20.52 7.25
C LYS A 83 -2.05 -19.31 8.05
N VAL A 84 -1.09 -18.68 8.73
CA VAL A 84 -1.33 -17.47 9.50
C VAL A 84 -1.74 -16.33 8.56
N ILE A 85 -1.08 -16.25 7.41
CA ILE A 85 -1.38 -15.21 6.43
C ILE A 85 -2.78 -15.38 5.86
N ILE A 86 -3.10 -16.60 5.44
CA ILE A 86 -4.41 -16.91 4.88
C ILE A 86 -5.50 -16.71 5.92
N ASP A 87 -5.20 -17.08 7.16
CA ASP A 87 -6.13 -16.91 8.27
C ASP A 87 -6.52 -15.43 8.43
N HIS A 88 -5.52 -14.57 8.47
CA HIS A 88 -5.75 -13.13 8.65
C HIS A 88 -6.56 -12.53 7.51
N PHE A 89 -6.19 -12.88 6.27
CA PHE A 89 -6.78 -12.25 5.11
C PHE A 89 -8.12 -12.88 4.71
N GLU A 90 -8.49 -13.96 5.37
CA GLU A 90 -9.84 -14.49 5.25
C GLU A 90 -10.74 -13.73 6.20
N LYS A 91 -10.21 -13.43 7.39
CA LYS A 91 -10.96 -12.74 8.43
C LYS A 91 -10.98 -11.23 8.22
N TYR A 92 -9.95 -10.71 7.54
CA TYR A 92 -9.87 -9.28 7.24
C TYR A 92 -9.41 -9.08 5.79
N PRO A 93 -10.34 -9.21 4.83
CA PRO A 93 -10.04 -9.27 3.39
C PRO A 93 -9.60 -7.96 2.77
N LEU A 94 -8.64 -8.06 1.85
CA LEU A 94 -8.18 -6.92 1.05
C LEU A 94 -9.30 -6.44 0.14
N ILE A 95 -9.24 -5.18 -0.30
CA ILE A 95 -10.31 -4.63 -1.13
C ILE A 95 -9.82 -4.01 -2.45
N THR A 96 -8.50 -3.87 -2.60
CA THR A 96 -7.95 -3.42 -3.88
C THR A 96 -7.83 -4.62 -4.82
N GLN A 97 -7.30 -4.38 -6.01
CA GLN A 97 -7.13 -5.45 -6.99
C GLN A 97 -6.13 -6.50 -6.51
N LYS A 98 -5.39 -6.16 -5.45
CA LYS A 98 -4.43 -7.08 -4.86
C LYS A 98 -5.12 -8.31 -4.26
N LEU A 99 -6.41 -8.18 -3.98
CA LEU A 99 -7.20 -9.31 -3.49
C LEU A 99 -7.22 -10.43 -4.52
N GLY A 100 -7.20 -10.05 -5.79
CA GLY A 100 -7.14 -11.01 -6.88
C GLY A 100 -5.86 -11.83 -6.82
N ASP A 101 -4.76 -11.17 -6.45
CA ASP A 101 -3.48 -11.86 -6.28
C ASP A 101 -3.52 -12.80 -5.08
N TYR A 102 -4.23 -12.38 -4.03
CA TYR A 102 -4.34 -13.19 -2.82
C TYR A 102 -5.11 -14.48 -3.06
N LYS A 103 -6.14 -14.39 -3.90
CA LYS A 103 -6.98 -15.55 -4.20
C LYS A 103 -6.23 -16.56 -5.07
N LEU A 104 -5.42 -16.05 -5.98
CA LEU A 104 -4.55 -16.90 -6.80
C LEU A 104 -3.45 -17.49 -5.91
N PHE A 105 -2.92 -16.64 -5.04
CA PHE A 105 -2.02 -17.06 -3.96
C PHE A 105 -2.65 -18.21 -3.17
N LYS A 106 -3.94 -18.05 -2.87
CA LYS A 106 -4.68 -19.02 -2.10
C LYS A 106 -4.83 -20.36 -2.83
N GLN A 107 -5.11 -20.29 -4.13
CA GLN A 107 -5.23 -21.50 -4.94
C GLN A 107 -3.90 -22.24 -5.03
N ALA A 108 -2.82 -21.47 -5.17
CA ALA A 108 -1.48 -22.04 -5.22
C ALA A 108 -1.15 -22.78 -3.94
N TYR A 109 -1.66 -22.27 -2.82
CA TYR A 109 -1.44 -22.88 -1.53
C TYR A 109 -2.15 -24.23 -1.43
N SER A 110 -3.35 -24.30 -1.99
CA SER A 110 -4.14 -25.53 -1.98
C SER A 110 -3.46 -26.62 -2.82
N VAL A 111 -2.80 -26.21 -3.89
CA VAL A 111 -2.05 -27.14 -4.73
C VAL A 111 -0.89 -27.75 -3.95
N MET A 112 -0.18 -26.90 -3.21
CA MET A 112 0.98 -27.32 -2.44
C MET A 112 0.58 -28.06 -1.17
N GLU A 113 -0.62 -27.78 -0.68
CA GLU A 113 -1.10 -28.41 0.55
C GLU A 113 -1.35 -29.90 0.36
N ASN A 114 -1.87 -30.25 -0.82
CA ASN A 114 -2.10 -31.65 -1.15
C ASN A 114 -0.87 -32.25 -1.87
N LYS A 115 0.15 -31.41 -2.04
CA LYS A 115 1.47 -31.81 -2.57
C LYS A 115 1.49 -32.08 -4.08
N GLU A 116 0.68 -31.36 -4.86
CA GLU A 116 0.69 -31.56 -6.31
C GLU A 116 1.87 -30.86 -6.98
N HIS A 117 2.45 -29.87 -6.29
CA HIS A 117 3.60 -29.14 -6.82
C HIS A 117 4.77 -30.10 -7.08
N LEU A 118 4.71 -31.27 -6.43
CA LEU A 118 5.69 -32.32 -6.64
C LEU A 118 5.28 -33.25 -7.78
N LYS A 119 4.25 -32.87 -8.53
CA LYS A 119 3.81 -33.65 -9.68
C LYS A 119 3.62 -32.76 -10.90
N GLU A 120 3.68 -33.36 -12.08
CA GLU A 120 3.58 -32.62 -13.34
C GLU A 120 2.23 -31.92 -13.48
N ASN A 121 1.18 -32.58 -13.03
CA ASN A 121 -0.16 -32.02 -13.11
C ASN A 121 -0.30 -30.74 -12.28
N GLY A 122 0.35 -30.73 -11.12
CA GLY A 122 0.31 -29.58 -10.22
C GLY A 122 1.11 -28.39 -10.71
N ILE A 123 2.29 -28.65 -11.25
CA ILE A 123 3.16 -27.60 -11.78
C ILE A 123 2.48 -26.86 -12.93
N LYS A 124 1.78 -27.62 -13.76
CA LYS A 124 0.98 -27.03 -14.84
C LYS A 124 -0.06 -26.08 -14.28
N GLU A 125 -0.80 -26.55 -13.27
CA GLU A 125 -1.80 -25.73 -12.59
C GLU A 125 -1.17 -24.47 -11.98
N LEU A 126 -0.01 -24.64 -11.36
CA LEU A 126 0.69 -23.52 -10.72
C LEU A 126 1.12 -22.46 -11.73
N VAL A 127 1.58 -22.91 -12.90
CA VAL A 127 1.96 -21.99 -13.97
C VAL A 127 0.74 -21.22 -14.45
N ARG A 128 -0.38 -21.92 -14.53
CA ARG A 128 -1.66 -21.34 -14.91
C ARG A 128 -2.07 -20.24 -13.95
N ILE A 129 -1.84 -20.49 -12.66
CA ILE A 129 -2.12 -19.53 -11.61
C ILE A 129 -1.19 -18.32 -11.70
N LYS A 130 0.11 -18.59 -11.75
CA LYS A 130 1.14 -17.56 -11.79
C LYS A 130 0.96 -16.61 -12.98
N ALA A 131 0.40 -17.13 -14.07
CA ALA A 131 0.19 -16.34 -15.28
C ALA A 131 -0.75 -15.16 -15.03
N LYS A 132 -1.61 -15.29 -14.02
CA LYS A 132 -2.56 -14.23 -13.70
C LYS A 132 -2.08 -13.35 -12.56
N MET A 133 -1.04 -13.80 -11.87
CA MET A 133 -0.51 -13.07 -10.72
C MET A 133 0.51 -12.01 -11.10
N ASN A 134 0.31 -10.81 -10.56
CA ASN A 134 1.25 -9.70 -10.69
C ASN A 134 1.76 -9.47 -12.12
N TRP A 135 3.04 -9.75 -12.35
CA TRP A 135 3.64 -9.47 -13.65
C TRP A 135 3.62 -10.70 -14.57
N GLY A 136 3.03 -11.79 -14.09
CA GLY A 136 2.81 -12.96 -14.91
C GLY A 136 4.03 -13.83 -15.20
N LEU A 137 3.89 -14.72 -16.17
CA LEU A 137 4.95 -15.67 -16.52
C LEU A 137 6.17 -14.98 -17.10
N THR A 138 7.34 -15.48 -16.76
CA THR A 138 8.58 -15.05 -17.41
C THR A 138 8.59 -15.52 -18.85
N ASP A 139 9.54 -15.04 -19.64
CA ASP A 139 9.66 -15.48 -21.03
C ASP A 139 10.12 -16.93 -21.09
N GLU A 140 11.04 -17.30 -20.19
CA GLU A 140 11.54 -18.66 -20.12
C GLU A 140 10.43 -19.63 -19.74
N LEU A 141 9.47 -19.14 -18.98
CA LEU A 141 8.34 -19.95 -18.52
C LEU A 141 7.26 -20.03 -19.60
N LYS A 142 7.07 -18.95 -20.34
CA LYS A 142 6.12 -18.93 -21.45
C LYS A 142 6.58 -19.88 -22.54
N LYS A 143 7.89 -19.91 -22.78
CA LYS A 143 8.49 -20.80 -23.77
C LYS A 143 8.21 -22.26 -23.42
N ALA A 144 8.41 -22.60 -22.15
CA ALA A 144 8.24 -23.97 -21.69
C ALA A 144 6.77 -24.38 -21.66
N PHE A 145 5.88 -23.40 -21.46
CA PHE A 145 4.45 -23.68 -21.34
C PHE A 145 3.56 -22.83 -22.24
N PRO A 146 3.57 -23.10 -23.55
CA PRO A 146 2.62 -22.36 -24.39
C PRO A 146 1.15 -22.71 -24.09
N GLU A 147 0.51 -21.96 -23.19
CA GLU A 147 -0.89 -22.22 -22.82
C GLU A 147 -1.54 -21.10 -22.00
N ILE A 148 -2.65 -20.55 -22.53
CA ILE A 148 -3.41 -19.40 -21.96
C ILE A 148 -2.62 -18.17 -21.49
N ILE A 149 -3.24 -17.00 -21.66
CA ILE A 149 -2.65 -15.73 -21.25
C ILE A 149 -3.49 -15.07 -20.15
N GLU A 152 -5.69 -13.46 -17.27
CA GLU A 152 -6.79 -12.59 -16.87
C GLU A 152 -7.56 -13.17 -15.69
N ARG A 153 -8.11 -12.29 -14.85
CA ARG A 153 -8.76 -12.70 -13.62
C ARG A 153 -9.95 -11.78 -13.33
N PRO A 154 -10.85 -12.19 -12.41
CA PRO A 154 -11.98 -11.33 -12.09
C PRO A 154 -11.58 -10.00 -11.48
N LEU A 155 -12.22 -8.92 -11.94
CA LEU A 155 -12.02 -7.61 -11.34
C LEU A 155 -12.64 -7.59 -9.95
N ILE A 156 -11.89 -7.05 -8.99
CA ILE A 156 -12.37 -6.96 -7.62
C ILE A 156 -13.18 -5.67 -7.45
N ASN A 157 -14.35 -5.79 -6.80
CA ASN A 157 -15.23 -4.64 -6.64
C ASN A 157 -15.80 -4.56 -5.23
N LYS A 158 -14.93 -4.24 -4.27
CA LYS A 158 -15.35 -4.09 -2.88
C LYS A 158 -15.32 -2.63 -2.45
N ASN A 159 -16.11 -2.30 -1.44
CA ASN A 159 -16.11 -0.95 -0.89
C ASN A 159 -15.23 -0.87 0.35
N ILE A 160 -14.85 0.35 0.72
CA ILE A 160 -14.10 0.59 1.94
C ILE A 160 -14.88 0.06 3.14
N PRO A 161 -14.29 -0.89 3.88
CA PRO A 161 -14.98 -1.55 4.99
C PRO A 161 -15.14 -0.66 6.21
N ASN A 162 -14.10 0.10 6.55
CA ASN A 162 -14.11 0.97 7.71
C ASN A 162 -12.96 1.97 7.69
N LEU A 163 -12.94 2.86 8.67
CA LEU A 163 -11.89 3.88 8.76
C LEU A 163 -10.59 3.33 9.28
N LYS A 164 -10.63 2.14 9.86
CA LYS A 164 -9.41 1.47 10.30
C LYS A 164 -8.64 0.94 9.10
N TRP A 165 -9.36 0.49 8.08
CA TRP A 165 -8.73 0.08 6.83
C TRP A 165 -8.12 1.28 6.14
N LEU A 166 -8.88 2.38 6.11
CA LEU A 166 -8.44 3.60 5.46
C LEU A 166 -7.20 4.16 6.13
N ALA A 167 -7.14 4.02 7.45
CA ALA A 167 -5.98 4.46 8.21
C ALA A 167 -4.74 3.66 7.80
N GLY A 168 -4.90 2.35 7.68
CA GLY A 168 -3.82 1.49 7.26
C GLY A 168 -3.40 1.80 5.83
N PHE A 169 -4.39 1.97 4.96
CA PHE A 169 -4.14 2.26 3.56
C PHE A 169 -3.48 3.63 3.37
N THR A 170 -3.88 4.60 4.19
CA THR A 170 -3.32 5.94 4.13
C THR A 170 -1.90 5.96 4.66
N SER A 171 -1.65 5.19 5.72
CA SER A 171 -0.29 5.05 6.25
C SER A 171 0.66 4.54 5.18
N GLY A 172 0.10 3.89 4.17
CA GLY A 172 0.87 3.44 3.03
C GLY A 172 0.95 4.46 1.91
N GLU A 173 -0.21 4.82 1.36
CA GLU A 173 -0.25 5.61 0.13
C GLU A 173 -0.50 7.11 0.35
N GLY A 174 -0.69 7.51 1.60
CA GLY A 174 -1.07 8.87 1.91
C GLY A 174 0.00 9.93 1.68
N HIS A 175 -0.43 11.15 1.45
CA HIS A 175 0.47 12.31 1.39
C HIS A 175 -0.14 13.49 2.16
N PHE A 176 0.57 13.93 3.18
CA PHE A 176 0.17 15.12 3.92
C PHE A 176 1.10 16.27 3.56
N GLY A 177 0.66 17.13 2.66
CA GLY A 177 1.54 18.12 2.06
C GLY A 177 1.24 19.57 2.37
N VAL A 178 2.29 20.39 2.29
CA VAL A 178 2.17 21.83 2.45
C VAL A 178 2.85 22.53 1.28
N ASN A 179 2.04 23.04 0.35
CA ASN A 179 2.57 23.70 -0.84
C ASN A 179 2.90 25.16 -0.59
N LEU A 180 4.11 25.57 -0.96
CA LEU A 180 4.50 26.97 -0.91
C LEU A 180 5.01 27.41 -2.28
N TRP A 181 4.69 28.65 -2.65
CA TRP A 181 5.15 29.20 -3.93
C TRP A 181 5.07 30.72 -3.92
N LYS A 182 5.90 31.34 -4.76
CA LYS A 182 5.92 32.79 -4.88
C LYS A 182 4.86 33.26 -5.88
N ARG A 183 3.89 34.01 -5.39
CA ARG A 183 2.81 34.54 -6.22
C ARG A 183 3.36 35.32 -7.41
N LYS A 184 2.77 35.08 -8.58
CA LYS A 184 3.18 35.74 -9.80
C LYS A 184 3.08 37.26 -9.67
N GLY A 185 1.87 37.76 -9.47
CA GLY A 185 1.65 39.19 -9.31
C GLY A 185 1.66 39.63 -7.86
N GLY A 186 2.86 39.87 -7.33
CA GLY A 186 3.01 40.32 -5.95
C GLY A 186 4.28 39.82 -5.29
N THR A 187 4.37 40.02 -3.99
CA THR A 187 5.52 39.55 -3.22
C THR A 187 5.09 38.52 -2.19
N HIS A 188 3.80 38.18 -2.22
CA HIS A 188 3.22 37.25 -1.27
C HIS A 188 3.59 35.80 -1.57
N VAL A 189 3.57 34.97 -0.53
CA VAL A 189 3.81 33.55 -0.67
C VAL A 189 2.49 32.78 -0.60
N GLY A 190 2.24 31.94 -1.60
CA GLY A 190 1.05 31.10 -1.61
C GLY A 190 1.20 29.96 -0.62
N VAL A 191 0.11 29.65 0.07
CA VAL A 191 0.11 28.56 1.05
C VAL A 191 -1.08 27.65 0.83
N GLN A 192 -0.84 26.35 0.67
CA GLN A 192 -1.93 25.40 0.55
C GLN A 192 -1.67 24.09 1.29
N LEU A 193 -2.58 23.77 2.22
CA LEU A 193 -2.59 22.49 2.89
C LEU A 193 -3.27 21.48 2.00
N VAL A 194 -2.59 20.36 1.71
CA VAL A 194 -3.16 19.37 0.81
C VAL A 194 -3.05 17.95 1.37
N PHE A 195 -4.15 17.21 1.27
CA PHE A 195 -4.15 15.80 1.61
C PHE A 195 -4.25 14.99 0.33
N GLY A 196 -3.57 13.85 0.28
CA GLY A 196 -3.54 13.06 -0.92
C GLY A 196 -3.47 11.55 -0.72
N ILE A 197 -4.15 10.83 -1.61
CA ILE A 197 -4.02 9.38 -1.70
C ILE A 197 -3.91 9.00 -3.17
N SER A 198 -2.87 8.25 -3.52
CA SER A 198 -2.64 7.88 -4.91
C SER A 198 -2.72 6.37 -5.13
N GLN A 199 -3.02 5.99 -6.36
CA GLN A 199 -3.16 4.57 -6.72
C GLN A 199 -3.20 4.42 -8.23
N HIS A 200 -2.75 3.27 -8.73
CA HIS A 200 -2.82 2.96 -10.15
C HIS A 200 -4.27 3.02 -10.63
N ILE A 201 -4.48 3.38 -11.88
CA ILE A 201 -5.83 3.58 -12.41
C ILE A 201 -6.68 2.31 -12.42
N ARG A 202 -6.05 1.17 -12.12
CA ARG A 202 -6.77 -0.10 -12.10
C ARG A 202 -7.77 -0.16 -10.95
N ASP A 203 -7.61 0.74 -9.99
CA ASP A 203 -8.54 0.85 -8.86
C ASP A 203 -9.26 2.19 -8.90
N LYS A 204 -9.73 2.57 -10.08
CA LYS A 204 -10.43 3.84 -10.28
C LYS A 204 -11.75 3.87 -9.51
N ASN A 205 -12.46 2.75 -9.51
CA ASN A 205 -13.72 2.66 -8.77
C ASN A 205 -13.51 2.89 -7.28
N LEU A 206 -12.48 2.26 -6.73
CA LEU A 206 -12.16 2.41 -5.32
C LEU A 206 -11.74 3.83 -4.99
N MET A 207 -10.95 4.44 -5.86
CA MET A 207 -10.48 5.80 -5.66
C MET A 207 -11.62 6.80 -5.80
N ASN A 208 -12.55 6.52 -6.72
CA ASN A 208 -13.76 7.31 -6.85
C ASN A 208 -14.61 7.21 -5.60
N SER A 209 -14.60 6.02 -4.99
CA SER A 209 -15.38 5.76 -3.79
C SER A 209 -14.98 6.63 -2.60
N LEU A 210 -13.80 7.23 -2.69
CA LEU A 210 -13.29 8.07 -1.60
C LEU A 210 -13.99 9.42 -1.51
N ILE A 211 -14.37 9.96 -2.67
CA ILE A 211 -15.10 11.23 -2.71
C ILE A 211 -16.41 11.12 -1.94
N THR A 212 -17.10 10.02 -2.17
CA THR A 212 -18.36 9.72 -1.48
C THR A 212 -18.12 9.39 -0.01
N TYR A 213 -17.13 8.54 0.24
CA TYR A 213 -16.89 8.01 1.58
C TYR A 213 -16.42 9.06 2.57
N LEU A 214 -15.72 10.08 2.08
CA LEU A 214 -15.19 11.13 2.94
C LEU A 214 -16.05 12.39 2.86
N GLY A 215 -16.85 12.50 1.81
CA GLY A 215 -17.72 13.64 1.62
C GLY A 215 -16.96 14.89 1.18
N CYS A 216 -15.85 14.69 0.49
CA CYS A 216 -15.03 15.79 0.02
C CYS A 216 -14.01 15.33 -1.02
N GLY A 217 -13.24 16.28 -1.54
CA GLY A 217 -12.13 15.96 -2.42
C GLY A 217 -12.53 15.61 -3.84
N TYR A 218 -11.51 15.37 -4.66
CA TYR A 218 -11.67 15.10 -6.08
C TYR A 218 -10.57 14.15 -6.54
N ILE A 219 -10.55 13.84 -7.82
CA ILE A 219 -9.53 12.96 -8.37
C ILE A 219 -8.86 13.59 -9.58
N LEU A 220 -7.54 13.54 -9.61
CA LEU A 220 -6.77 14.01 -10.75
C LEU A 220 -6.08 12.85 -11.43
N GLU A 221 -6.24 12.78 -12.75
CA GLU A 221 -5.58 11.72 -13.52
C GLU A 221 -4.19 12.16 -13.92
N LYS A 222 -3.19 11.37 -13.52
CA LYS A 222 -1.81 11.66 -13.84
C LYS A 222 -1.26 10.59 -14.77
N ASN A 223 -0.17 10.92 -15.46
CA ASN A 223 0.50 9.94 -16.33
C ASN A 223 1.90 10.37 -16.73
N ARG A 224 2.75 9.40 -17.02
CA ARG A 224 4.01 9.62 -17.70
C ARG A 224 4.08 8.65 -18.88
N SER A 225 3.95 9.19 -20.09
CA SER A 225 3.82 8.38 -21.31
C SER A 225 2.63 7.43 -21.20
N GLU A 226 2.90 6.13 -21.15
CA GLU A 226 1.84 5.13 -21.09
C GLU A 226 1.44 4.81 -19.64
N LEU A 227 2.36 5.10 -18.71
CA LEU A 227 2.11 4.87 -17.29
C LEU A 227 1.17 5.92 -16.72
N SER A 228 0.09 5.49 -16.08
CA SER A 228 -0.88 6.43 -15.53
C SER A 228 -1.37 6.02 -14.15
N TRP A 229 -1.68 7.02 -13.32
CA TRP A 229 -2.17 6.79 -11.96
C TRP A 229 -3.17 7.86 -11.55
N LEU A 230 -3.76 7.69 -10.38
CA LEU A 230 -4.76 8.63 -9.90
C LEU A 230 -4.33 9.27 -8.58
N ASP A 231 -4.63 10.55 -8.42
CA ASP A 231 -4.35 11.22 -7.16
C ASP A 231 -5.62 11.83 -6.58
N PHE A 232 -6.14 11.21 -5.54
CA PHE A 232 -7.25 11.79 -4.79
C PHE A 232 -6.73 12.90 -3.90
N ARG A 233 -7.20 14.12 -4.12
CA ARG A 233 -6.74 15.26 -3.35
C ARG A 233 -7.88 15.97 -2.65
N VAL A 234 -7.60 16.48 -1.45
CA VAL A 234 -8.49 17.39 -0.77
C VAL A 234 -7.74 18.68 -0.50
N THR A 235 -8.24 19.78 -1.05
CA THR A 235 -7.58 21.07 -0.89
C THR A 235 -8.50 22.11 -0.26
N LYS A 236 -9.78 21.75 -0.17
CA LYS A 236 -10.74 22.56 0.55
C LYS A 236 -10.40 22.51 2.03
N PHE A 237 -10.00 23.63 2.62
CA PHE A 237 -9.50 23.61 3.98
C PHE A 237 -10.56 23.25 5.01
N SER A 238 -11.77 23.72 4.82
CA SER A 238 -12.85 23.41 5.74
C SER A 238 -13.11 21.91 5.74
N ASP A 239 -12.97 21.27 4.58
CA ASP A 239 -13.11 19.83 4.49
C ASP A 239 -11.98 19.12 5.22
N ILE A 240 -10.75 19.59 5.00
CA ILE A 240 -9.60 19.04 5.68
C ILE A 240 -9.74 19.18 7.19
N ASN A 241 -10.13 20.37 7.63
CA ASN A 241 -10.29 20.66 9.05
C ASN A 241 -11.42 19.87 9.70
N ASP A 242 -12.51 19.70 8.96
CA ASP A 242 -13.72 19.10 9.53
C ASP A 242 -13.88 17.62 9.21
N LYS A 243 -13.35 17.17 8.08
CA LYS A 243 -13.57 15.79 7.65
C LYS A 243 -12.31 14.92 7.71
N ILE A 244 -11.20 15.45 7.20
CA ILE A 244 -9.98 14.65 7.08
C ILE A 244 -9.27 14.45 8.42
N ILE A 245 -8.86 15.56 9.04
CA ILE A 245 -8.14 15.51 10.32
C ILE A 245 -8.87 14.75 11.44
N PRO A 246 -10.19 14.98 11.62
CA PRO A 246 -10.85 14.22 12.69
C PRO A 246 -10.84 12.70 12.47
N VAL A 247 -10.84 12.26 11.21
CA VAL A 247 -10.80 10.83 10.90
C VAL A 247 -9.55 10.15 11.43
N PHE A 248 -8.39 10.76 11.19
CA PHE A 248 -7.13 10.15 11.57
C PHE A 248 -6.73 10.46 13.01
N GLN A 249 -7.41 11.42 13.62
CA GLN A 249 -7.27 11.64 15.05
C GLN A 249 -7.89 10.47 15.80
N GLU A 250 -9.02 10.01 15.28
CA GLU A 250 -9.72 8.86 15.85
C GLU A 250 -9.05 7.55 15.45
N ASN A 251 -8.78 7.42 14.15
CA ASN A 251 -8.18 6.21 13.62
C ASN A 251 -6.70 6.44 13.34
N THR A 252 -5.85 6.00 14.27
CA THR A 252 -4.45 6.39 14.29
C THR A 252 -3.63 5.79 13.15
N LEU A 253 -2.92 6.65 12.42
CA LEU A 253 -1.99 6.23 11.39
C LEU A 253 -0.78 5.55 12.03
N ILE A 254 -0.06 4.76 11.25
CA ILE A 254 1.14 4.09 11.74
C ILE A 254 2.38 4.53 10.99
N GLY A 255 3.54 4.31 11.60
CA GLY A 255 4.81 4.63 10.97
C GLY A 255 5.15 6.11 10.94
N VAL A 256 6.12 6.45 10.10
CA VAL A 256 6.60 7.82 9.96
C VAL A 256 5.51 8.77 9.49
N LYS A 257 4.57 8.24 8.70
CA LYS A 257 3.48 9.06 8.15
C LYS A 257 2.57 9.61 9.24
N LEU A 258 2.57 8.97 10.41
CA LEU A 258 1.85 9.50 11.57
C LEU A 258 2.49 10.81 12.01
N GLU A 259 3.81 10.84 12.02
CA GLU A 259 4.57 12.03 12.39
C GLU A 259 4.32 13.15 11.38
N ASP A 260 4.27 12.79 10.10
CA ASP A 260 3.97 13.75 9.05
C ASP A 260 2.60 14.37 9.26
N PHE A 261 1.64 13.54 9.66
CA PHE A 261 0.28 13.99 9.94
C PHE A 261 0.25 14.96 11.12
N GLU A 262 1.07 14.68 12.13
CA GLU A 262 1.10 15.49 13.33
C GLU A 262 1.63 16.90 13.07
N ASP A 263 2.70 16.99 12.28
CA ASP A 263 3.23 18.28 11.85
C ASP A 263 2.21 18.99 10.97
N TRP A 264 1.65 18.23 10.05
CA TRP A 264 0.60 18.68 9.14
C TRP A 264 -0.54 19.37 9.88
N CYS A 265 -0.91 18.83 11.04
CA CYS A 265 -1.97 19.39 11.86
C CYS A 265 -1.55 20.69 12.54
N LYS A 266 -0.27 20.80 12.85
CA LYS A 266 0.27 22.04 13.42
C LYS A 266 0.14 23.17 12.41
N VAL A 267 0.44 22.86 11.15
CA VAL A 267 0.27 23.81 10.06
C VAL A 267 -1.20 24.14 9.88
N ALA A 268 -2.05 23.13 10.03
CA ALA A 268 -3.49 23.30 9.91
C ALA A 268 -4.05 24.24 10.98
N LYS A 269 -3.44 24.19 12.17
CA LYS A 269 -3.83 25.07 13.26
C LYS A 269 -3.47 26.51 12.94
N LEU A 270 -2.23 26.72 12.48
CA LEU A 270 -1.74 28.04 12.12
C LEU A 270 -2.58 28.67 11.01
N ILE A 271 -3.01 27.84 10.06
CA ILE A 271 -3.82 28.30 8.94
C ILE A 271 -5.26 28.57 9.40
N GLU A 272 -5.72 27.78 10.37
CA GLU A 272 -7.03 27.98 10.95
C GLU A 272 -7.16 29.36 11.58
N GLU A 273 -6.06 29.86 12.14
CA GLU A 273 -6.03 31.15 12.81
C GLU A 273 -5.42 32.24 11.94
N LYS A 274 -5.39 31.99 10.63
CA LYS A 274 -4.95 32.97 9.64
C LYS A 274 -3.50 33.47 9.83
N LYS A 275 -2.73 32.75 10.64
CA LYS A 275 -1.37 33.19 10.94
C LYS A 275 -0.41 32.88 9.80
N HIS A 276 -0.91 32.14 8.80
CA HIS A 276 -0.13 31.85 7.61
C HIS A 276 -0.08 33.08 6.70
N LEU A 277 -0.87 34.09 7.05
CA LEU A 277 -0.91 35.34 6.30
C LEU A 277 0.06 36.36 6.89
N THR A 278 0.54 36.07 8.10
CA THR A 278 1.51 36.93 8.76
C THR A 278 2.93 36.49 8.40
N GLU A 279 3.90 37.38 8.61
CA GLU A 279 5.28 37.09 8.29
C GLU A 279 5.83 35.96 9.17
N SER A 280 5.59 36.06 10.48
CA SER A 280 6.15 35.11 11.43
C SER A 280 5.50 33.73 11.36
N GLY A 281 4.21 33.69 11.00
CA GLY A 281 3.51 32.43 10.86
C GLY A 281 4.02 31.62 9.69
N LEU A 282 4.43 32.31 8.63
CA LEU A 282 4.94 31.67 7.43
C LEU A 282 6.26 30.94 7.68
N ASP A 283 7.15 31.59 8.43
CA ASP A 283 8.44 31.00 8.75
C ASP A 283 8.33 29.93 9.82
N GLU A 284 7.20 29.93 10.54
CA GLU A 284 6.89 28.84 11.43
C GLU A 284 6.46 27.63 10.60
N ILE A 285 5.62 27.89 9.60
CA ILE A 285 5.22 26.86 8.65
C ILE A 285 6.44 26.36 7.88
N LYS A 286 7.26 27.29 7.42
CA LYS A 286 8.49 26.97 6.69
C LYS A 286 9.39 26.08 7.55
N LYS A 287 9.43 26.35 8.85
CA LYS A 287 10.24 25.58 9.77
C LYS A 287 9.69 24.17 9.97
N ILE A 288 8.37 24.05 9.91
CA ILE A 288 7.71 22.76 10.10
C ILE A 288 7.95 21.85 8.90
N LYS A 289 7.95 22.44 7.70
CA LYS A 289 8.20 21.69 6.47
C LYS A 289 9.56 21.01 6.49
N LEU A 290 10.55 21.69 7.06
CA LEU A 290 11.89 21.13 7.17
C LEU A 290 11.90 19.85 8.01
N ASN A 291 10.99 19.78 8.98
CA ASN A 291 10.92 18.63 9.87
C ASN A 291 10.22 17.42 9.26
N MET A 292 9.48 17.63 8.19
CA MET A 292 8.56 16.60 7.72
C MET A 292 8.78 16.13 6.28
N ASN A 293 8.06 15.06 5.93
CA ASN A 293 8.10 14.41 4.62
C ASN A 293 9.49 13.98 4.20
N LYS A 294 9.86 14.35 2.97
CA LYS A 294 11.17 14.04 2.41
C LYS A 294 12.28 14.67 3.25
N GLY A 295 11.91 15.69 4.01
CA GLY A 295 12.86 16.41 4.86
C GLY A 295 13.06 15.77 6.21
N ARG A 296 12.40 14.64 6.46
CA ARG A 296 12.59 13.92 7.71
C ARG A 296 13.60 12.78 7.54
#